data_1NQH
#
_entry.id   1NQH
#
_cell.length_a   81.687
_cell.length_b   81.687
_cell.length_c   225.814
_cell.angle_alpha   90.00
_cell.angle_beta   90.00
_cell.angle_gamma   120.00
#
_symmetry.space_group_name_H-M   'P 31 2 1'
#
loop_
_entity.id
_entity.type
_entity.pdbx_description
1 polymer 'VITAMIN B12 RECEPTOR'
2 non-polymer 'CALCIUM ION'
3 non-polymer CYANOCOBALAMIN
4 non-polymer (HYDROXYETHYLOXY)TRI(ETHYLOXY)OCTANE
#
_entity_poly.entity_id   1
_entity_poly.type   'polypeptide(L)'
_entity_poly.pdbx_seq_one_letter_code
;QDTSPDTLVVTANRFEQPRSTVLAPTTVVTRQDIDRWQSTSVNDVLRRLPGVDITQNGGSGQLSSIFIRGTNASHVLVLI
DGVRLNLAGVSGSADLSQFPIALVQRVEYIRGPRSAVYGSDAIGGVVNIITTRDEPGTEISAGWGSNSYQNYDVSTQQQL
GDKTRVTLLGDYAHTHGYDVVAYGNTGTQAQTDNDGFLSKTLYGALEHNFTDAWSGFVRGYGYDNRTNYDAYYSPGSPLL
DTRKLYSQSWDAGLRYNGELIKSQLITSYSHSKDYNYDPHYGRYDSSATLDEMKQYTVQWANNVIVGHGSIGAGVDWQKQ
TTTPGTGYVEDGYDQRNTGIYLTGLQQVGDFTFEGAARSDDNSQFGRHGTWQTSAGWEFIEGYRFIASYGTSYKAPNLGQ
LYGFYGNPNLDPEKSKQWEGAFEGLTAGVNWRISGYRNDVSDLIDYDDHTLKYYNEGKARIKGVEATANFDTGPLTHTVS
YDYVDARNAITDTPLLRRAKQQVKYQLDWQLYDFDWGITYQYLGTRYDKDYSSYPYQTVKMGGVSLWDLAVAYPVTSHLT
VRGKIANLFDKDYETVYGYQTAGREYTLSGSYTF
;
_entity_poly.pdbx_strand_id   A
#
# COMPACT_ATOMS: atom_id res chain seq x y z
N ASP A 6 -12.69 5.46 18.38
CA ASP A 6 -12.51 4.48 17.25
C ASP A 6 -13.31 4.88 15.99
N THR A 7 -13.17 4.06 14.96
CA THR A 7 -13.71 4.51 13.71
C THR A 7 -14.02 3.36 12.79
N LEU A 8 -15.04 2.67 13.17
CA LEU A 8 -15.41 1.67 12.25
C LEU A 8 -14.24 1.03 11.48
N VAL A 9 -13.71 1.64 10.45
CA VAL A 9 -12.82 0.78 9.73
C VAL A 9 -13.42 -0.55 9.35
N VAL A 10 -13.20 -0.98 8.14
CA VAL A 10 -13.82 -2.21 7.71
C VAL A 10 -12.93 -3.15 6.98
N THR A 11 -11.73 -3.45 7.42
CA THR A 11 -10.92 -4.18 6.51
C THR A 11 -10.25 -5.30 7.18
N ALA A 12 -10.74 -5.59 8.34
CA ALA A 12 -10.19 -6.73 9.05
C ALA A 12 -10.92 -8.05 8.76
N ASN A 13 -12.24 -7.95 8.84
CA ASN A 13 -13.16 -9.01 8.54
C ASN A 13 -14.14 -8.58 7.44
N ARG A 14 -13.87 -7.46 6.79
CA ARG A 14 -14.51 -7.19 5.53
C ARG A 14 -15.77 -6.32 5.76
N PHE A 15 -16.27 -6.31 6.99
CA PHE A 15 -17.44 -5.54 7.32
C PHE A 15 -17.15 -4.45 8.29
N GLU A 16 -18.05 -3.49 8.53
CA GLU A 16 -17.78 -2.49 9.61
C GLU A 16 -17.54 -3.07 10.97
N GLN A 17 -16.77 -2.34 11.78
CA GLN A 17 -16.43 -2.74 13.13
C GLN A 17 -15.48 -1.71 13.73
N PRO A 18 -15.45 -1.60 15.04
CA PRO A 18 -14.64 -0.58 15.73
C PRO A 18 -13.24 -1.00 16.12
N ARG A 19 -12.29 -0.14 15.85
CA ARG A 19 -10.88 -0.52 15.96
C ARG A 19 -10.41 -1.04 17.29
N SER A 20 -10.70 -0.31 18.37
CA SER A 20 -10.75 -0.94 19.66
C SER A 20 -10.96 -2.44 19.43
N THR A 21 -11.84 -2.80 18.54
CA THR A 21 -12.32 -4.14 18.72
C THR A 21 -11.55 -5.04 17.75
N VAL A 22 -10.37 -4.56 17.38
CA VAL A 22 -9.54 -5.27 16.42
C VAL A 22 -8.26 -5.46 17.19
N LEU A 23 -7.89 -6.69 17.45
CA LEU A 23 -6.73 -6.96 18.25
C LEU A 23 -5.38 -6.65 17.58
N ALA A 24 -5.42 -6.40 16.30
CA ALA A 24 -4.21 -6.19 15.60
C ALA A 24 -4.10 -4.73 15.36
N PRO A 25 -2.88 -4.35 15.01
CA PRO A 25 -2.51 -2.95 14.98
C PRO A 25 -3.05 -2.48 13.72
N THR A 26 -3.83 -1.44 13.84
CA THR A 26 -4.46 -0.86 12.68
C THR A 26 -4.25 0.62 12.76
N THR A 27 -4.37 1.27 11.66
CA THR A 27 -3.96 2.62 11.59
C THR A 27 -4.89 3.12 10.54
N VAL A 28 -5.32 4.36 10.57
CA VAL A 28 -6.23 4.77 9.54
C VAL A 28 -5.82 6.10 9.04
N VAL A 29 -5.91 6.35 7.77
CA VAL A 29 -5.54 7.66 7.33
C VAL A 29 -6.76 8.21 6.67
N THR A 30 -7.13 9.44 6.98
CA THR A 30 -8.32 10.08 6.36
C THR A 30 -7.98 11.14 5.31
N ARG A 31 -8.96 11.70 4.63
CA ARG A 31 -8.65 12.83 3.78
C ARG A 31 -8.10 13.95 4.58
N GLN A 32 -8.89 14.56 5.46
CA GLN A 32 -8.31 15.63 6.29
C GLN A 32 -6.84 15.38 6.48
N ASP A 33 -6.54 14.21 6.99
CA ASP A 33 -5.15 13.90 7.15
C ASP A 33 -4.35 14.27 5.88
N ILE A 34 -4.61 13.54 4.81
CA ILE A 34 -3.86 13.64 3.61
C ILE A 34 -3.83 15.03 3.05
N ASP A 35 -4.90 15.78 3.27
CA ASP A 35 -4.83 17.16 2.83
C ASP A 35 -3.96 17.99 3.64
N ARG A 36 -4.03 17.78 4.94
CA ARG A 36 -3.04 18.35 5.79
C ARG A 36 -1.69 18.03 5.18
N TRP A 37 -1.49 16.76 4.81
CA TRP A 37 -0.12 16.34 4.76
C TRP A 37 0.39 16.91 3.49
N GLN A 38 -0.56 17.32 2.68
CA GLN A 38 -0.17 17.90 1.42
C GLN A 38 0.62 16.84 0.61
N SER A 39 0.51 15.60 1.03
CA SER A 39 0.85 14.47 0.19
C SER A 39 0.55 14.53 -1.32
N THR A 40 1.52 14.05 -2.07
CA THR A 40 1.43 14.17 -3.50
C THR A 40 1.49 12.88 -4.23
N SER A 41 1.46 11.83 -3.46
CA SER A 41 1.57 10.46 -3.84
C SER A 41 1.03 9.52 -2.71
N VAL A 42 0.66 8.31 -3.08
CA VAL A 42 0.38 7.32 -2.03
C VAL A 42 1.57 7.04 -1.09
N ASN A 43 2.73 7.00 -1.76
CA ASN A 43 4.02 6.73 -1.16
C ASN A 43 4.21 7.64 0.03
N ASP A 44 3.64 8.82 -0.10
CA ASP A 44 3.95 9.79 0.95
C ASP A 44 3.28 9.44 2.21
N VAL A 45 2.00 9.24 2.04
CA VAL A 45 1.13 8.83 3.10
C VAL A 45 1.65 7.56 3.76
N LEU A 46 1.86 6.54 2.97
CA LEU A 46 2.24 5.31 3.60
C LEU A 46 3.47 5.50 4.51
N ARG A 47 4.48 6.23 4.03
CA ARG A 47 5.83 6.12 4.58
C ARG A 47 5.77 6.46 6.05
N ARG A 48 4.74 7.22 6.37
CA ARG A 48 4.47 7.73 7.71
C ARG A 48 4.07 6.73 8.78
N LEU A 49 3.43 5.66 8.36
CA LEU A 49 2.75 4.86 9.33
C LEU A 49 3.68 3.81 9.82
N PRO A 50 3.29 3.14 10.90
CA PRO A 50 4.12 2.15 11.54
C PRO A 50 4.43 1.06 10.60
N GLY A 51 5.62 0.54 10.74
CA GLY A 51 5.97 -0.71 10.11
C GLY A 51 6.17 -0.68 8.63
N VAL A 52 6.14 0.48 8.02
CA VAL A 52 6.31 0.60 6.61
C VAL A 52 7.70 1.05 6.21
N ASP A 53 8.35 0.29 5.35
CA ASP A 53 9.59 0.71 4.81
C ASP A 53 9.37 0.78 3.32
N ILE A 54 9.60 1.93 2.78
CA ILE A 54 9.52 2.15 1.38
C ILE A 54 10.81 2.53 0.77
N THR A 55 10.95 2.22 -0.50
CA THR A 55 12.17 2.54 -1.20
C THR A 55 11.82 2.94 -2.59
N GLN A 56 12.69 3.74 -3.20
CA GLN A 56 12.38 4.29 -4.49
C GLN A 56 13.57 4.43 -5.34
N ASN A 57 13.41 3.92 -6.54
CA ASN A 57 14.35 4.08 -7.63
C ASN A 57 14.16 5.51 -8.08
N GLY A 58 13.92 6.32 -7.07
CA GLY A 58 13.98 7.74 -7.27
C GLY A 58 12.81 8.53 -6.73
N GLY A 59 12.40 9.47 -7.55
CA GLY A 59 11.45 10.41 -7.08
C GLY A 59 10.16 9.87 -7.51
N SER A 60 9.26 10.79 -7.73
CA SER A 60 7.88 10.55 -8.13
C SER A 60 7.90 9.69 -9.34
N GLY A 61 6.91 8.83 -9.42
CA GLY A 61 6.73 8.09 -10.65
C GLY A 61 7.60 6.86 -10.84
N GLN A 62 8.71 6.81 -10.11
CA GLN A 62 9.65 5.72 -10.23
C GLN A 62 9.20 4.46 -9.49
N LEU A 63 9.63 3.30 -9.90
CA LEU A 63 9.18 2.14 -9.17
C LEU A 63 9.31 2.44 -7.76
N SER A 64 8.45 1.81 -6.96
CA SER A 64 8.71 1.69 -5.53
C SER A 64 8.25 0.41 -4.82
N SER A 65 8.63 0.34 -3.57
CA SER A 65 8.67 -0.93 -2.94
C SER A 65 8.40 -0.69 -1.49
N ILE A 66 7.59 -1.55 -0.92
CA ILE A 66 7.14 -1.37 0.42
C ILE A 66 7.47 -2.55 1.21
N PHE A 67 8.15 -2.38 2.35
CA PHE A 67 8.42 -3.49 3.27
C PHE A 67 7.73 -3.25 4.69
N ILE A 68 6.49 -3.72 4.81
CA ILE A 68 5.85 -3.96 6.08
C ILE A 68 6.61 -4.88 6.99
N ARG A 69 6.89 -4.41 8.18
CA ARG A 69 7.61 -5.22 9.11
C ARG A 69 8.47 -6.22 8.33
N GLY A 70 9.21 -5.63 7.41
CA GLY A 70 10.43 -6.31 7.10
C GLY A 70 10.22 -7.54 6.25
N THR A 71 8.99 -7.77 5.85
CA THR A 71 8.77 -8.73 4.79
C THR A 71 9.07 -8.29 3.38
N ASN A 72 9.02 -9.21 2.41
CA ASN A 72 9.46 -8.87 1.07
C ASN A 72 8.41 -8.05 0.40
N ALA A 73 8.72 -7.45 -0.72
CA ALA A 73 7.94 -6.30 -1.08
C ALA A 73 6.67 -6.80 -1.66
N SER A 74 6.56 -8.09 -1.73
CA SER A 74 5.44 -8.64 -2.42
C SER A 74 4.67 -9.34 -1.31
N HIS A 75 5.18 -9.20 -0.11
CA HIS A 75 4.57 -9.82 1.03
C HIS A 75 3.59 -8.92 1.78
N VAL A 76 3.03 -8.00 1.00
CA VAL A 76 1.94 -7.15 1.42
C VAL A 76 0.78 -7.26 0.45
N LEU A 77 -0.42 -7.17 0.98
CA LEU A 77 -1.59 -7.18 0.19
C LEU A 77 -2.06 -5.80 0.10
N VAL A 78 -2.07 -5.32 -1.11
CA VAL A 78 -2.68 -4.02 -1.38
C VAL A 78 -4.03 -4.20 -1.96
N LEU A 79 -5.01 -3.73 -1.21
CA LEU A 79 -6.41 -3.67 -1.70
C LEU A 79 -6.83 -2.29 -1.98
N ILE A 80 -7.48 -2.12 -3.11
CA ILE A 80 -8.21 -0.97 -3.46
C ILE A 80 -9.67 -1.34 -3.32
N ASP A 81 -10.35 -0.61 -2.45
CA ASP A 81 -11.76 -0.81 -2.23
C ASP A 81 -12.06 -2.27 -1.97
N GLY A 82 -11.24 -2.91 -1.20
CA GLY A 82 -11.60 -4.24 -0.78
C GLY A 82 -10.95 -5.22 -1.69
N VAL A 83 -10.30 -4.74 -2.74
CA VAL A 83 -9.97 -5.66 -3.77
C VAL A 83 -8.55 -5.70 -4.31
N ARG A 84 -7.93 -6.87 -4.43
CA ARG A 84 -6.53 -6.92 -4.76
C ARG A 84 -6.23 -6.02 -5.88
N LEU A 85 -5.11 -5.29 -5.82
CA LEU A 85 -4.72 -4.28 -6.80
C LEU A 85 -4.68 -4.74 -8.19
N ASN A 86 -3.59 -5.31 -8.56
CA ASN A 86 -3.57 -5.69 -9.96
C ASN A 86 -2.27 -5.47 -10.63
N LEU A 87 -1.26 -5.44 -9.80
CA LEU A 87 0.10 -5.29 -10.22
C LEU A 87 0.30 -6.21 -11.38
N ALA A 88 0.51 -5.64 -12.58
CA ALA A 88 0.82 -6.44 -13.77
C ALA A 88 2.34 -6.75 -13.87
N GLY A 89 2.67 -7.88 -14.48
CA GLY A 89 4.05 -8.22 -14.77
C GLY A 89 4.37 -9.47 -13.96
N VAL A 90 5.64 -9.65 -13.63
CA VAL A 90 5.98 -10.84 -12.90
C VAL A 90 6.75 -10.59 -11.61
N SER A 91 6.25 -9.69 -10.77
CA SER A 91 6.77 -9.63 -9.40
C SER A 91 5.83 -8.92 -8.47
N GLY A 92 4.86 -9.66 -7.94
CA GLY A 92 4.16 -9.28 -6.72
C GLY A 92 4.27 -7.79 -6.41
N SER A 93 5.49 -7.34 -6.08
CA SER A 93 5.72 -5.91 -6.06
C SER A 93 4.68 -5.18 -6.91
N ALA A 94 4.11 -4.19 -6.23
CA ALA A 94 3.02 -3.40 -6.72
C ALA A 94 3.51 -2.01 -6.97
N ASP A 95 4.03 -1.39 -5.97
CA ASP A 95 4.54 -0.07 -6.32
C ASP A 95 3.40 0.95 -6.53
N LEU A 96 3.05 1.54 -5.42
CA LEU A 96 1.88 2.30 -5.45
C LEU A 96 2.35 3.62 -5.97
N SER A 97 3.48 3.64 -6.67
CA SER A 97 3.89 4.93 -7.24
C SER A 97 3.00 5.35 -8.37
N GLN A 98 2.21 4.42 -8.92
CA GLN A 98 1.42 4.72 -10.08
C GLN A 98 0.00 5.03 -9.77
N PHE A 99 -0.38 4.75 -8.55
CA PHE A 99 -1.79 4.78 -8.18
C PHE A 99 -2.18 6.13 -7.71
N PRO A 100 -3.04 6.75 -8.43
CA PRO A 100 -3.21 8.17 -8.30
C PRO A 100 -3.63 8.44 -6.89
N ILE A 101 -3.09 9.51 -6.29
CA ILE A 101 -3.35 9.83 -4.89
C ILE A 101 -4.63 10.56 -4.86
N ALA A 102 -5.03 11.10 -5.99
CA ALA A 102 -6.26 11.84 -6.01
C ALA A 102 -7.44 10.93 -5.72
N LEU A 103 -7.21 9.65 -5.79
CA LEU A 103 -8.36 8.81 -5.73
C LEU A 103 -8.64 8.49 -4.33
N VAL A 104 -7.73 8.90 -3.49
CA VAL A 104 -7.65 8.28 -2.22
C VAL A 104 -8.42 9.03 -1.29
N GLN A 105 -9.40 8.39 -0.72
CA GLN A 105 -10.12 9.01 0.32
C GLN A 105 -9.80 8.51 1.69
N ARG A 106 -9.30 7.30 1.80
CA ARG A 106 -9.00 6.85 3.11
C ARG A 106 -8.17 5.65 2.99
N VAL A 107 -7.17 5.52 3.80
CA VAL A 107 -6.47 4.28 3.80
C VAL A 107 -6.76 3.61 5.11
N GLU A 108 -6.80 2.28 5.07
CA GLU A 108 -7.06 1.53 6.25
C GLU A 108 -5.99 0.48 6.22
N TYR A 109 -5.18 0.33 7.28
CA TYR A 109 -3.92 -0.41 7.27
C TYR A 109 -3.78 -1.16 8.56
N ILE A 110 -3.69 -2.46 8.44
CA ILE A 110 -3.73 -3.31 9.58
C ILE A 110 -2.61 -4.24 9.47
N ARG A 111 -1.69 -4.25 10.48
CA ARG A 111 -0.39 -4.82 10.28
C ARG A 111 -0.58 -6.23 10.76
N GLY A 112 0.22 -7.19 10.30
CA GLY A 112 0.15 -8.56 10.78
C GLY A 112 -0.55 -9.35 9.74
N PRO A 113 -0.64 -10.65 9.93
CA PRO A 113 -1.11 -11.54 8.90
C PRO A 113 -2.55 -11.33 8.60
N ARG A 114 -2.98 -11.56 7.39
CA ARG A 114 -4.42 -11.65 7.20
C ARG A 114 -4.74 -12.45 5.98
N SER A 115 -4.00 -13.52 5.73
CA SER A 115 -4.45 -14.40 4.63
C SER A 115 -5.71 -15.20 4.92
N ALA A 116 -6.04 -15.42 6.18
CA ALA A 116 -7.26 -16.18 6.50
C ALA A 116 -8.54 -15.40 6.24
N VAL A 117 -8.39 -14.20 5.72
CA VAL A 117 -9.54 -13.50 5.25
C VAL A 117 -9.44 -13.27 3.73
N TYR A 118 -8.29 -12.81 3.34
CA TYR A 118 -8.11 -12.26 2.03
C TYR A 118 -7.38 -13.18 1.02
N GLY A 119 -6.78 -14.25 1.51
CA GLY A 119 -5.80 -14.97 0.75
C GLY A 119 -4.37 -14.47 0.63
N SER A 120 -3.86 -14.50 -0.60
CA SER A 120 -2.45 -14.43 -0.81
C SER A 120 -2.05 -13.02 -0.67
N ASP A 121 -0.86 -12.87 -0.07
CA ASP A 121 -0.05 -11.64 0.13
C ASP A 121 -0.18 -10.98 1.54
N ALA A 122 -1.35 -11.12 2.11
CA ALA A 122 -1.57 -10.68 3.44
C ALA A 122 -0.50 -11.40 4.22
N ILE A 123 0.76 -11.09 4.00
CA ILE A 123 1.71 -11.55 5.01
C ILE A 123 2.23 -10.60 6.07
N GLY A 124 2.63 -9.40 5.67
CA GLY A 124 3.08 -8.41 6.63
C GLY A 124 1.94 -7.68 7.32
N GLY A 125 0.91 -7.50 6.49
CA GLY A 125 -0.26 -6.72 6.81
C GLY A 125 -0.96 -6.31 5.53
N VAL A 126 -1.88 -5.38 5.62
CA VAL A 126 -2.77 -5.20 4.50
C VAL A 126 -2.97 -3.73 4.28
N VAL A 127 -2.97 -3.30 3.05
CA VAL A 127 -3.14 -1.90 2.89
C VAL A 127 -4.31 -1.75 1.99
N ASN A 128 -5.39 -1.27 2.58
CA ASN A 128 -6.61 -1.08 1.84
C ASN A 128 -6.83 0.36 1.58
N ILE A 129 -6.81 0.70 0.32
CA ILE A 129 -6.90 2.03 -0.04
C ILE A 129 -8.27 2.15 -0.48
N ILE A 130 -8.93 3.19 0.01
CA ILE A 130 -10.35 3.42 -0.28
C ILE A 130 -10.67 4.71 -1.01
N THR A 131 -11.45 4.57 -2.08
CA THR A 131 -11.59 5.62 -3.08
C THR A 131 -12.85 6.38 -2.81
N THR A 132 -13.61 5.85 -1.86
CA THR A 132 -14.97 6.28 -1.68
C THR A 132 -15.17 7.31 -0.61
N ARG A 133 -15.85 8.39 -0.98
CA ARG A 133 -16.29 9.42 -0.04
C ARG A 133 -17.75 9.52 0.34
N ASP A 134 -17.99 10.23 1.41
CA ASP A 134 -19.29 10.87 1.50
C ASP A 134 -19.19 12.22 2.14
N GLU A 135 -19.54 13.24 1.39
CA GLU A 135 -18.98 14.52 1.68
C GLU A 135 -19.28 15.22 0.41
N PRO A 136 -20.49 15.75 0.36
CA PRO A 136 -21.11 16.26 -0.84
C PRO A 136 -20.57 17.59 -1.08
N GLY A 137 -20.69 18.07 -2.30
CA GLY A 137 -20.24 19.40 -2.64
C GLY A 137 -19.36 19.28 -3.86
N THR A 138 -18.71 20.36 -4.29
CA THR A 138 -17.86 20.23 -5.45
C THR A 138 -16.64 21.03 -5.15
N GLU A 139 -15.51 20.69 -5.76
CA GLU A 139 -14.26 21.17 -5.26
C GLU A 139 -13.31 21.42 -6.37
N ILE A 140 -12.63 22.55 -6.34
CA ILE A 140 -11.58 22.80 -7.29
C ILE A 140 -10.32 22.91 -6.55
N SER A 141 -9.19 22.82 -7.24
CA SER A 141 -7.89 22.92 -6.56
C SER A 141 -6.80 22.66 -7.55
N ALA A 142 -5.57 23.03 -7.20
CA ALA A 142 -4.34 22.44 -7.73
C ALA A 142 -3.18 23.12 -7.11
N GLY A 143 -2.00 23.03 -7.70
CA GLY A 143 -0.82 23.41 -6.94
C GLY A 143 0.35 23.69 -7.82
N TRP A 144 1.50 24.15 -7.32
CA TRP A 144 2.63 24.42 -8.21
C TRP A 144 3.89 24.07 -7.45
N GLY A 145 4.97 23.69 -8.12
CA GLY A 145 6.25 23.66 -7.45
C GLY A 145 7.54 23.10 -8.05
N SER A 146 8.39 22.65 -7.13
CA SER A 146 9.81 22.48 -7.26
C SER A 146 10.38 21.63 -8.41
N ASN A 147 9.58 21.21 -9.37
CA ASN A 147 10.28 20.92 -10.59
C ASN A 147 9.37 21.10 -11.71
N SER A 148 8.88 22.31 -11.87
CA SER A 148 7.74 22.50 -12.71
C SER A 148 6.69 21.44 -12.41
N TYR A 149 6.60 21.08 -11.15
CA TYR A 149 5.52 20.25 -10.73
C TYR A 149 4.25 21.07 -10.75
N GLN A 150 3.12 20.47 -11.03
CA GLN A 150 1.91 21.26 -11.24
C GLN A 150 0.76 20.33 -11.17
N ASN A 151 -0.40 20.78 -10.69
CA ASN A 151 -1.55 19.87 -10.51
C ASN A 151 -2.92 20.54 -10.56
N TYR A 152 -3.87 19.97 -11.25
CA TYR A 152 -5.14 20.61 -11.26
C TYR A 152 -6.23 19.56 -11.23
N ASP A 153 -7.42 19.91 -10.83
CA ASP A 153 -8.31 18.90 -10.28
C ASP A 153 -9.71 19.39 -9.99
N VAL A 154 -10.65 18.62 -10.44
CA VAL A 154 -12.00 18.98 -10.11
C VAL A 154 -12.81 17.87 -9.48
N SER A 155 -13.51 18.20 -8.38
CA SER A 155 -14.36 17.21 -7.76
C SER A 155 -15.80 17.65 -7.43
N THR A 156 -16.71 16.69 -7.50
CA THR A 156 -18.07 16.82 -7.01
C THR A 156 -18.73 15.50 -6.67
N GLN A 157 -19.59 15.54 -5.68
CA GLN A 157 -20.55 14.50 -5.47
C GLN A 157 -21.81 15.24 -5.23
N GLN A 158 -22.90 14.61 -5.63
CA GLN A 158 -24.24 15.17 -5.59
C GLN A 158 -25.25 14.11 -5.65
N GLN A 159 -26.43 14.55 -5.30
CA GLN A 159 -27.55 13.68 -5.40
C GLN A 159 -28.28 13.91 -6.71
N LEU A 160 -28.90 12.85 -7.21
CA LEU A 160 -29.81 12.98 -8.32
C LEU A 160 -31.13 12.51 -7.71
N GLY A 161 -31.83 13.43 -7.07
CA GLY A 161 -32.91 13.02 -6.22
C GLY A 161 -32.39 12.10 -5.14
N ASP A 162 -33.35 11.55 -4.41
CA ASP A 162 -33.13 10.73 -3.21
C ASP A 162 -32.41 9.38 -3.49
N LYS A 163 -31.91 8.78 -2.42
CA LYS A 163 -31.32 7.45 -2.53
C LYS A 163 -30.35 7.27 -3.72
N THR A 164 -30.06 8.37 -4.39
CA THR A 164 -28.97 8.39 -5.35
C THR A 164 -28.02 9.56 -5.38
N ARG A 165 -26.75 9.21 -5.48
CA ARG A 165 -25.73 10.24 -5.51
C ARG A 165 -24.58 9.87 -6.43
N VAL A 166 -23.96 10.89 -6.96
CA VAL A 166 -22.96 10.72 -7.98
C VAL A 166 -21.69 11.46 -7.62
N THR A 167 -20.63 11.08 -8.31
CA THR A 167 -19.33 11.51 -7.89
C THR A 167 -18.51 11.42 -9.12
N LEU A 168 -17.94 12.56 -9.50
CA LEU A 168 -16.93 12.57 -10.55
C LEU A 168 -15.70 13.25 -10.10
N LEU A 169 -14.58 12.74 -10.61
CA LEU A 169 -13.31 13.39 -10.40
C LEU A 169 -12.47 13.13 -11.62
N GLY A 170 -11.88 14.24 -12.08
CA GLY A 170 -10.68 14.30 -12.94
C GLY A 170 -9.50 15.08 -12.30
N ASP A 171 -8.27 14.69 -12.61
CA ASP A 171 -7.13 15.19 -11.91
C ASP A 171 -5.85 14.91 -12.69
N TYR A 172 -5.05 15.96 -12.75
CA TYR A 172 -3.94 16.12 -13.64
C TYR A 172 -2.82 16.56 -12.75
N ALA A 173 -1.71 15.84 -12.84
CA ALA A 173 -0.47 16.26 -12.23
C ALA A 173 0.55 15.96 -13.25
N HIS A 174 1.68 16.62 -13.04
CA HIS A 174 2.79 16.58 -13.93
C HIS A 174 4.00 17.12 -13.22
N THR A 175 5.14 16.58 -13.53
CA THR A 175 6.35 17.21 -13.04
C THR A 175 7.45 16.83 -13.98
N HIS A 176 8.53 17.59 -13.96
CA HIS A 176 9.67 17.28 -14.79
C HIS A 176 10.64 16.42 -14.02
N GLY A 177 10.65 16.53 -12.71
CA GLY A 177 11.58 15.71 -11.94
C GLY A 177 13.02 16.19 -11.91
N TYR A 178 13.92 15.27 -11.60
CA TYR A 178 15.34 15.49 -11.62
C TYR A 178 16.00 14.26 -12.22
N ASP A 179 17.28 14.31 -12.55
CA ASP A 179 17.87 13.08 -12.99
C ASP A 179 18.06 12.28 -11.78
N VAL A 180 17.85 10.97 -11.87
CA VAL A 180 18.15 10.11 -10.77
C VAL A 180 19.32 9.17 -10.95
N VAL A 181 20.21 9.57 -11.86
CA VAL A 181 21.48 8.88 -12.13
C VAL A 181 21.44 7.39 -12.38
N ALA A 182 20.85 6.63 -11.50
CA ALA A 182 20.83 5.19 -11.71
C ALA A 182 22.11 4.45 -11.28
N TYR A 183 23.14 4.38 -12.09
CA TYR A 183 24.37 3.94 -11.52
C TYR A 183 24.42 2.45 -11.30
N GLY A 184 24.63 1.72 -12.39
CA GLY A 184 24.39 0.32 -12.46
C GLY A 184 22.98 0.22 -12.95
N ASN A 185 22.65 0.97 -13.99
CA ASN A 185 21.47 0.63 -14.74
C ASN A 185 21.35 1.40 -16.09
N THR A 186 22.51 1.74 -16.65
CA THR A 186 22.57 2.52 -17.87
C THR A 186 23.78 1.96 -18.61
N GLY A 187 24.69 1.40 -17.82
CA GLY A 187 25.88 0.74 -18.36
C GLY A 187 26.78 1.78 -18.98
N THR A 188 26.81 1.80 -20.29
CA THR A 188 27.71 2.71 -20.94
C THR A 188 27.00 4.06 -21.07
N GLN A 189 26.92 4.85 -20.03
CA GLN A 189 26.79 6.29 -20.21
C GLN A 189 25.90 6.80 -19.11
N ALA A 190 24.63 7.09 -19.41
CA ALA A 190 23.87 7.96 -18.50
C ALA A 190 22.44 8.45 -18.89
N GLN A 191 22.14 9.67 -18.43
CA GLN A 191 20.81 10.24 -18.46
C GLN A 191 20.79 11.76 -18.39
N THR A 192 21.69 12.30 -17.53
CA THR A 192 21.82 13.72 -17.39
C THR A 192 20.50 14.23 -17.85
N ASP A 193 19.48 13.67 -17.25
CA ASP A 193 18.14 13.90 -17.73
C ASP A 193 17.28 13.77 -16.53
N ASN A 194 16.43 14.77 -16.30
CA ASN A 194 15.44 14.71 -15.23
C ASN A 194 14.45 13.75 -15.76
N ASP A 195 13.95 12.93 -14.85
CA ASP A 195 13.09 11.82 -15.24
C ASP A 195 11.70 11.97 -14.59
N GLY A 196 10.81 12.57 -15.37
CA GLY A 196 9.61 13.19 -14.87
C GLY A 196 8.54 12.15 -14.71
N PHE A 197 7.29 12.59 -14.59
CA PHE A 197 6.10 11.74 -14.39
C PHE A 197 4.86 12.51 -14.87
N LEU A 198 3.94 11.91 -15.60
CA LEU A 198 2.70 12.63 -15.89
C LEU A 198 1.56 11.64 -15.61
N SER A 199 0.55 12.02 -14.82
CA SER A 199 -0.64 11.24 -14.71
C SER A 199 -1.81 12.11 -14.81
N LYS A 200 -2.86 11.54 -15.41
CA LYS A 200 -4.13 12.20 -15.71
C LYS A 200 -5.20 11.17 -15.27
N THR A 201 -6.34 11.51 -14.69
CA THR A 201 -7.14 10.49 -14.06
C THR A 201 -8.58 10.81 -14.11
N LEU A 202 -9.42 9.77 -14.04
CA LEU A 202 -10.86 9.97 -14.25
C LEU A 202 -11.68 9.08 -13.39
N TYR A 203 -12.64 9.59 -12.65
CA TYR A 203 -13.33 8.69 -11.78
C TYR A 203 -14.77 9.00 -11.85
N GLY A 204 -15.62 8.01 -11.87
CA GLY A 204 -17.01 8.27 -11.68
C GLY A 204 -17.61 7.29 -10.72
N ALA A 205 -18.63 7.75 -9.98
CA ALA A 205 -19.44 6.82 -9.18
C ALA A 205 -20.97 7.03 -9.24
N LEU A 206 -21.69 5.93 -9.04
CA LEU A 206 -23.11 5.90 -8.71
C LEU A 206 -23.39 5.19 -7.45
N GLU A 207 -24.37 5.66 -6.71
CA GLU A 207 -24.51 5.21 -5.32
C GLU A 207 -25.98 5.29 -5.00
N HIS A 208 -26.49 4.15 -4.53
CA HIS A 208 -27.90 4.05 -4.51
C HIS A 208 -28.44 3.07 -3.52
N ASN A 209 -29.35 3.63 -2.72
CA ASN A 209 -30.18 2.85 -1.83
C ASN A 209 -31.52 2.58 -2.39
N PHE A 210 -31.88 1.34 -2.31
CA PHE A 210 -33.25 1.02 -2.58
C PHE A 210 -34.01 1.22 -1.29
N THR A 211 -33.27 1.40 -0.21
CA THR A 211 -33.86 1.51 1.11
C THR A 211 -32.81 1.87 2.09
N ASP A 212 -33.16 1.80 3.37
CA ASP A 212 -32.17 2.06 4.42
C ASP A 212 -31.57 0.81 4.94
N ALA A 213 -31.39 -0.15 4.05
CA ALA A 213 -30.79 -1.41 4.38
C ALA A 213 -30.10 -1.87 3.12
N TRP A 214 -30.84 -1.76 2.03
CA TRP A 214 -30.32 -2.32 0.81
C TRP A 214 -29.69 -1.22 0.07
N SER A 215 -28.47 -1.47 -0.41
CA SER A 215 -27.82 -0.53 -1.28
C SER A 215 -26.98 -1.15 -2.31
N GLY A 216 -26.67 -0.28 -3.27
CA GLY A 216 -25.82 -0.62 -4.39
C GLY A 216 -24.81 0.44 -4.89
N PHE A 217 -23.83 -0.02 -5.68
CA PHE A 217 -23.05 0.92 -6.44
C PHE A 217 -22.71 0.45 -7.76
N VAL A 218 -22.36 1.45 -8.56
CA VAL A 218 -21.37 1.26 -9.57
C VAL A 218 -20.27 2.28 -9.67
N ARG A 219 -19.05 1.82 -9.92
CA ARG A 219 -17.86 2.68 -10.07
C ARG A 219 -17.10 2.42 -11.39
N GLY A 220 -16.41 3.46 -11.83
CA GLY A 220 -15.44 3.34 -12.90
C GLY A 220 -14.35 4.38 -12.80
N TYR A 221 -13.12 3.95 -12.90
CA TYR A 221 -12.06 4.93 -12.78
C TYR A 221 -10.88 4.45 -13.60
N GLY A 222 -9.91 5.34 -13.79
CA GLY A 222 -8.77 5.11 -14.68
C GLY A 222 -7.78 6.26 -14.79
N TYR A 223 -6.55 5.86 -15.10
CA TYR A 223 -5.43 6.75 -15.23
C TYR A 223 -4.56 6.27 -16.32
N ASP A 224 -3.63 7.16 -16.65
CA ASP A 224 -2.90 7.21 -17.90
C ASP A 224 -1.64 7.94 -17.50
N ASN A 225 -0.62 7.18 -17.11
CA ASN A 225 0.62 7.72 -16.58
C ASN A 225 1.70 7.69 -17.62
N ARG A 226 2.55 8.70 -17.71
CA ARG A 226 3.86 8.48 -18.33
C ARG A 226 4.93 8.90 -17.41
N THR A 227 5.88 8.01 -17.22
CA THR A 227 7.05 8.29 -16.45
C THR A 227 8.25 7.86 -17.25
N ASN A 228 9.36 8.53 -16.93
CA ASN A 228 10.59 8.37 -17.64
C ASN A 228 11.56 7.82 -16.64
N TYR A 229 12.50 6.96 -17.06
CA TYR A 229 13.30 6.13 -16.13
C TYR A 229 14.76 6.11 -16.77
N ASP A 230 15.68 5.15 -16.49
CA ASP A 230 17.02 5.05 -17.16
C ASP A 230 17.76 3.74 -17.90
N ALA A 231 17.84 2.52 -17.37
CA ALA A 231 17.96 1.35 -18.30
C ALA A 231 19.18 0.45 -18.42
N TYR A 232 20.14 0.94 -19.17
CA TYR A 232 21.30 0.15 -19.50
C TYR A 232 21.41 0.71 -20.86
N TYR A 233 22.45 0.35 -21.58
CA TYR A 233 22.71 1.02 -22.80
C TYR A 233 23.77 0.35 -23.50
N SER A 234 23.49 -0.11 -24.72
CA SER A 234 24.51 -0.15 -25.78
C SER A 234 24.34 1.10 -26.59
N PRO A 235 25.44 1.53 -27.20
CA PRO A 235 25.34 2.50 -28.30
C PRO A 235 24.69 1.67 -29.37
N GLY A 236 23.49 1.91 -29.87
CA GLY A 236 23.07 0.75 -30.64
C GLY A 236 21.93 0.64 -31.59
N SER A 237 21.01 -0.23 -31.19
CA SER A 237 20.94 -0.70 -29.77
C SER A 237 20.11 0.27 -28.92
N PRO A 238 18.81 0.02 -28.79
CA PRO A 238 17.85 0.85 -28.04
C PRO A 238 18.03 1.14 -26.55
N LEU A 239 17.23 2.08 -26.06
CA LEU A 239 17.20 2.39 -24.64
C LEU A 239 16.02 1.70 -23.96
N LEU A 240 14.98 2.46 -23.64
CA LEU A 240 13.84 2.02 -22.78
C LEU A 240 13.69 2.93 -21.59
N ASP A 241 14.27 4.09 -21.80
CA ASP A 241 13.88 5.36 -21.28
C ASP A 241 12.56 5.34 -20.57
N THR A 242 11.47 5.07 -21.27
CA THR A 242 10.16 5.50 -20.83
C THR A 242 9.12 4.41 -20.58
N ARG A 243 8.37 4.61 -19.53
CA ARG A 243 7.21 3.81 -19.34
C ARG A 243 5.86 4.51 -19.45
N LYS A 244 4.87 3.75 -19.92
CA LYS A 244 3.51 4.25 -20.12
C LYS A 244 2.48 3.21 -19.71
N LEU A 245 1.78 3.52 -18.67
CA LEU A 245 0.83 2.64 -18.13
C LEU A 245 -0.64 3.15 -18.28
N TYR A 246 -1.57 2.24 -18.57
CA TYR A 246 -2.95 2.62 -18.54
C TYR A 246 -3.61 1.56 -17.78
N SER A 247 -4.73 1.91 -17.14
CA SER A 247 -5.26 1.15 -16.02
C SER A 247 -6.64 1.67 -15.78
N GLN A 248 -7.62 0.78 -15.94
CA GLN A 248 -8.99 1.05 -15.58
C GLN A 248 -9.59 -0.11 -14.76
N SER A 249 -10.63 0.23 -14.00
CA SER A 249 -11.25 -0.64 -13.05
C SER A 249 -12.70 -0.35 -13.14
N TRP A 250 -13.54 -1.36 -12.90
CA TRP A 250 -14.91 -1.09 -12.58
C TRP A 250 -15.40 -2.02 -11.58
N ASP A 251 -16.27 -1.51 -10.75
CA ASP A 251 -16.90 -2.31 -9.76
C ASP A 251 -18.37 -2.17 -9.83
N ALA A 252 -18.97 -3.09 -9.10
CA ALA A 252 -20.40 -3.12 -8.84
C ALA A 252 -20.57 -3.90 -7.56
N GLY A 253 -21.49 -3.45 -6.75
CA GLY A 253 -21.90 -4.31 -5.68
C GLY A 253 -23.31 -4.04 -5.32
N LEU A 254 -23.88 -4.98 -4.59
CA LEU A 254 -24.90 -4.62 -3.63
C LEU A 254 -24.40 -4.87 -2.26
N ARG A 255 -24.92 -4.07 -1.34
CA ARG A 255 -24.92 -4.40 0.05
C ARG A 255 -26.30 -4.37 0.71
N TYR A 256 -26.43 -5.16 1.76
CA TYR A 256 -27.53 -4.98 2.65
C TYR A 256 -27.04 -4.89 4.08
N ASN A 257 -27.37 -3.82 4.79
CA ASN A 257 -26.90 -3.64 6.15
C ASN A 257 -28.02 -3.60 7.18
N GLY A 258 -28.38 -4.73 7.79
CA GLY A 258 -29.49 -4.74 8.71
C GLY A 258 -29.03 -4.60 10.13
N GLU A 259 -29.96 -4.78 11.07
CA GLU A 259 -29.69 -4.56 12.46
C GLU A 259 -28.89 -5.69 13.02
N LEU A 260 -28.88 -6.78 12.29
CA LEU A 260 -28.16 -7.92 12.81
C LEU A 260 -27.24 -8.56 11.80
N ILE A 261 -27.69 -8.60 10.55
CA ILE A 261 -27.13 -9.49 9.54
C ILE A 261 -26.59 -8.50 8.59
N LYS A 262 -25.34 -8.66 8.23
CA LYS A 262 -24.76 -7.88 7.16
C LYS A 262 -24.45 -8.85 5.96
N SER A 263 -24.70 -8.35 4.75
CA SER A 263 -24.27 -8.96 3.50
C SER A 263 -23.61 -8.05 2.40
N GLN A 264 -22.61 -8.59 1.67
CA GLN A 264 -22.18 -7.93 0.42
C GLN A 264 -21.80 -8.82 -0.76
N LEU A 265 -22.14 -8.39 -1.97
CA LEU A 265 -21.84 -9.13 -3.18
C LEU A 265 -21.15 -8.11 -3.99
N ILE A 266 -19.95 -8.47 -4.41
CA ILE A 266 -19.21 -7.50 -5.14
C ILE A 266 -18.62 -8.06 -6.39
N THR A 267 -18.26 -7.08 -7.20
CA THR A 267 -17.84 -7.36 -8.55
C THR A 267 -16.86 -6.40 -9.18
N SER A 268 -15.89 -6.96 -9.84
CA SER A 268 -14.93 -6.07 -10.38
C SER A 268 -14.00 -6.70 -11.34
N TYR A 269 -13.44 -5.81 -12.14
CA TYR A 269 -12.81 -6.11 -13.40
C TYR A 269 -11.85 -4.98 -13.65
N SER A 270 -10.64 -5.36 -14.04
CA SER A 270 -9.59 -4.40 -14.02
C SER A 270 -8.71 -4.89 -15.05
N HIS A 271 -7.98 -3.97 -15.67
CA HIS A 271 -7.27 -4.24 -16.90
C HIS A 271 -6.28 -3.16 -16.98
N SER A 272 -5.01 -3.49 -16.99
CA SER A 272 -3.98 -2.51 -17.34
C SER A 272 -3.17 -3.01 -18.54
N LYS A 273 -2.02 -2.43 -18.77
CA LYS A 273 -1.38 -2.43 -20.07
C LYS A 273 -0.23 -1.47 -19.88
N ASP A 274 0.98 -1.98 -19.88
CA ASP A 274 2.07 -1.28 -19.21
C ASP A 274 3.19 -1.38 -20.22
N TYR A 275 3.25 -0.39 -21.09
CA TYR A 275 4.37 -0.27 -22.04
C TYR A 275 5.67 0.35 -21.47
N ASN A 276 6.77 -0.34 -21.72
CA ASN A 276 8.09 0.26 -21.63
C ASN A 276 8.81 0.35 -22.97
N TYR A 277 9.63 1.37 -23.18
CA TYR A 277 10.10 1.67 -24.49
C TYR A 277 11.00 2.87 -24.53
N ASP A 278 11.94 2.86 -25.45
CA ASP A 278 12.57 4.10 -25.87
C ASP A 278 12.09 4.11 -27.26
N PRO A 279 11.64 5.19 -27.83
CA PRO A 279 11.85 6.55 -27.39
C PRO A 279 12.21 7.18 -28.68
N HIS A 280 11.65 6.69 -29.78
CA HIS A 280 12.14 7.21 -31.03
C HIS A 280 11.60 6.43 -32.18
N TYR A 281 11.77 5.12 -32.14
CA TYR A 281 10.92 4.38 -33.08
C TYR A 281 10.23 3.30 -32.35
N GLY A 282 10.19 3.53 -31.07
CA GLY A 282 9.58 2.53 -30.25
C GLY A 282 8.10 2.72 -30.10
N ARG A 283 7.47 1.67 -29.57
CA ARG A 283 6.05 1.54 -29.47
C ARG A 283 5.50 0.19 -29.09
N TYR A 284 5.27 -0.72 -30.05
CA TYR A 284 5.45 -0.49 -31.45
C TYR A 284 6.92 -0.55 -31.81
N ASP A 285 7.47 -1.72 -31.98
CA ASP A 285 8.76 -1.66 -32.65
C ASP A 285 9.24 -2.87 -33.45
N SER A 286 9.83 -3.73 -32.64
CA SER A 286 9.98 -3.33 -31.24
C SER A 286 10.46 -4.55 -30.56
N SER A 287 11.43 -4.48 -29.67
CA SER A 287 11.96 -3.26 -29.11
C SER A 287 10.86 -2.59 -28.41
N ALA A 288 10.41 -3.09 -27.29
CA ALA A 288 9.18 -2.53 -26.71
C ALA A 288 8.45 -3.68 -26.09
N THR A 289 8.44 -3.67 -24.77
CA THR A 289 7.84 -4.75 -24.07
C THR A 289 6.48 -4.27 -23.68
N LEU A 290 5.46 -5.09 -23.80
CA LEU A 290 4.18 -4.69 -23.21
C LEU A 290 3.71 -5.68 -22.17
N ASP A 291 3.25 -5.29 -21.00
CA ASP A 291 2.70 -6.30 -20.13
C ASP A 291 1.27 -5.94 -19.93
N GLU A 292 0.34 -6.83 -20.21
CA GLU A 292 -1.03 -6.49 -20.02
C GLU A 292 -1.59 -7.39 -18.98
N MET A 293 -2.40 -6.88 -18.07
CA MET A 293 -3.32 -7.78 -17.41
C MET A 293 -4.82 -7.46 -17.20
N LYS A 294 -5.60 -8.55 -17.16
CA LYS A 294 -7.01 -8.58 -16.74
C LYS A 294 -7.38 -9.51 -15.55
N GLN A 295 -7.80 -8.87 -14.48
CA GLN A 295 -8.23 -9.53 -13.29
C GLN A 295 -9.74 -9.39 -13.10
N TYR A 296 -10.40 -10.48 -12.78
CA TYR A 296 -11.79 -10.40 -12.53
C TYR A 296 -11.96 -10.90 -11.17
N THR A 297 -13.03 -10.43 -10.55
CA THR A 297 -13.26 -10.76 -9.20
C THR A 297 -14.70 -10.91 -8.80
N VAL A 298 -15.00 -11.89 -7.99
CA VAL A 298 -16.32 -11.96 -7.43
C VAL A 298 -16.47 -12.57 -6.05
N GLN A 299 -17.27 -11.94 -5.22
CA GLN A 299 -17.12 -12.14 -3.84
C GLN A 299 -18.50 -11.89 -3.34
N TRP A 300 -18.84 -12.70 -2.34
CA TRP A 300 -20.09 -12.63 -1.60
C TRP A 300 -19.71 -12.95 -0.20
N ALA A 301 -20.24 -12.17 0.71
CA ALA A 301 -19.82 -12.29 2.09
C ALA A 301 -20.99 -12.11 3.05
N ASN A 302 -20.92 -12.75 4.19
CA ASN A 302 -21.92 -12.45 5.14
C ASN A 302 -21.32 -12.20 6.49
N ASN A 303 -22.00 -11.38 7.31
CA ASN A 303 -21.66 -11.37 8.70
C ASN A 303 -22.90 -11.27 9.43
N VAL A 304 -22.88 -11.67 10.68
CA VAL A 304 -23.93 -11.21 11.57
C VAL A 304 -23.54 -11.04 13.04
N ILE A 305 -24.40 -10.31 13.72
CA ILE A 305 -24.17 -10.00 15.13
C ILE A 305 -24.72 -11.04 16.04
N VAL A 306 -23.86 -11.51 16.93
CA VAL A 306 -24.20 -12.51 17.89
C VAL A 306 -23.34 -12.31 19.07
N GLY A 307 -23.90 -12.29 20.27
CA GLY A 307 -23.08 -12.01 21.45
C GLY A 307 -22.64 -10.57 21.39
N HIS A 308 -21.45 -10.33 21.90
CA HIS A 308 -20.80 -9.05 21.63
C HIS A 308 -19.77 -9.54 20.73
N GLY A 309 -20.22 -10.15 19.67
CA GLY A 309 -19.29 -10.84 18.82
C GLY A 309 -19.96 -10.89 17.51
N SER A 310 -19.33 -11.45 16.50
CA SER A 310 -20.03 -11.66 15.28
C SER A 310 -19.46 -12.88 14.74
N ILE A 311 -20.18 -13.51 13.83
CA ILE A 311 -19.59 -14.53 13.03
C ILE A 311 -19.84 -14.20 11.61
N GLY A 312 -18.90 -14.57 10.75
CA GLY A 312 -19.01 -14.20 9.35
C GLY A 312 -18.30 -15.17 8.47
N ALA A 313 -18.66 -15.19 7.20
CA ALA A 313 -18.05 -16.09 6.17
C ALA A 313 -18.25 -15.63 4.71
N GLY A 314 -17.34 -15.96 3.83
CA GLY A 314 -17.66 -15.72 2.42
C GLY A 314 -17.06 -16.71 1.47
N VAL A 315 -17.38 -16.49 0.20
CA VAL A 315 -16.62 -17.02 -0.92
C VAL A 315 -16.20 -15.95 -1.82
N ASP A 316 -15.14 -16.20 -2.53
CA ASP A 316 -14.32 -15.13 -3.06
C ASP A 316 -13.49 -15.61 -4.24
N TRP A 317 -13.84 -15.16 -5.42
CA TRP A 317 -13.36 -15.78 -6.64
C TRP A 317 -12.56 -14.87 -7.54
N GLN A 318 -11.41 -15.37 -8.03
CA GLN A 318 -10.48 -14.59 -8.87
C GLN A 318 -10.12 -15.25 -10.24
N LYS A 319 -10.04 -14.38 -11.26
CA LYS A 319 -9.47 -14.76 -12.57
C LYS A 319 -8.58 -13.70 -13.24
N GLN A 320 -7.35 -14.09 -13.52
CA GLN A 320 -6.32 -13.20 -14.04
C GLN A 320 -5.81 -13.92 -15.28
N THR A 321 -6.18 -13.35 -16.40
CA THR A 321 -5.57 -13.69 -17.65
C THR A 321 -4.61 -12.58 -18.08
N THR A 322 -3.31 -12.81 -17.96
CA THR A 322 -2.34 -11.99 -18.70
C THR A 322 -1.96 -12.49 -20.08
N THR A 323 -1.44 -11.55 -20.82
CA THR A 323 -1.08 -11.82 -22.17
C THR A 323 0.40 -11.97 -22.28
N PRO A 324 0.81 -12.73 -23.32
CA PRO A 324 2.23 -13.07 -23.53
C PRO A 324 3.08 -11.85 -23.79
N GLU A 330 3.32 -18.37 -24.52
CA GLU A 330 2.40 -19.43 -24.93
C GLU A 330 1.85 -20.16 -23.71
N ASP A 331 2.71 -20.35 -22.71
CA ASP A 331 2.33 -20.95 -21.41
C ASP A 331 1.61 -19.99 -20.38
N GLY A 332 2.27 -19.03 -19.73
CA GLY A 332 1.55 -18.25 -18.68
C GLY A 332 0.39 -17.32 -19.11
N TYR A 333 -0.84 -17.48 -18.63
CA TYR A 333 -1.87 -16.72 -19.30
C TYR A 333 -3.05 -16.48 -18.42
N ASP A 334 -3.72 -17.57 -18.04
CA ASP A 334 -4.99 -17.43 -17.38
C ASP A 334 -4.91 -18.17 -16.10
N GLN A 335 -5.25 -17.54 -14.97
CA GLN A 335 -5.12 -18.24 -13.72
C GLN A 335 -6.26 -17.95 -12.84
N ARG A 336 -6.68 -18.97 -12.07
CA ARG A 336 -7.87 -18.82 -11.23
C ARG A 336 -7.78 -19.25 -9.80
N ASN A 337 -8.42 -18.49 -8.94
CA ASN A 337 -8.41 -18.84 -7.54
C ASN A 337 -9.80 -18.83 -6.92
N THR A 338 -10.02 -19.74 -6.00
CA THR A 338 -11.18 -19.60 -5.22
C THR A 338 -10.97 -19.93 -3.82
N GLY A 339 -11.47 -19.07 -2.95
CA GLY A 339 -11.43 -19.34 -1.53
C GLY A 339 -12.71 -19.19 -0.79
N ILE A 340 -12.76 -19.88 0.32
CA ILE A 340 -13.87 -19.81 1.24
C ILE A 340 -13.35 -19.64 2.64
N TYR A 341 -13.85 -18.68 3.41
CA TYR A 341 -13.39 -18.56 4.78
C TYR A 341 -14.50 -18.36 5.76
N LEU A 342 -14.08 -18.41 7.01
CA LEU A 342 -14.85 -17.98 8.20
C LEU A 342 -14.22 -16.91 9.13
N THR A 343 -14.99 -15.93 9.56
CA THR A 343 -14.52 -15.21 10.72
C THR A 343 -15.40 -15.19 11.96
N GLY A 344 -14.73 -15.00 13.10
CA GLY A 344 -15.30 -14.75 14.43
C GLY A 344 -14.69 -13.66 15.32
N LEU A 345 -15.58 -12.81 15.84
CA LEU A 345 -15.38 -11.96 17.03
C LEU A 345 -16.23 -12.36 18.23
N GLN A 346 -15.60 -12.30 19.37
CA GLN A 346 -16.41 -12.17 20.51
C GLN A 346 -15.84 -11.53 21.69
N GLN A 347 -16.73 -11.18 22.58
CA GLN A 347 -16.32 -10.59 23.79
C GLN A 347 -16.78 -11.26 25.05
N VAL A 348 -15.91 -11.67 25.92
CA VAL A 348 -16.45 -12.17 27.15
C VAL A 348 -15.70 -11.62 28.35
N GLY A 349 -16.38 -10.81 29.15
CA GLY A 349 -15.74 -10.06 30.18
C GLY A 349 -14.82 -9.03 29.57
N ASP A 350 -13.60 -9.07 30.13
CA ASP A 350 -12.47 -8.31 29.66
C ASP A 350 -11.64 -9.13 28.75
N PHE A 351 -12.25 -10.13 28.13
CA PHE A 351 -11.58 -10.97 27.16
C PHE A 351 -12.20 -10.74 25.85
N THR A 352 -11.35 -10.45 24.88
CA THR A 352 -11.79 -10.50 23.50
C THR A 352 -11.20 -11.74 22.85
N PHE A 353 -11.86 -12.38 21.90
CA PHE A 353 -11.23 -13.39 21.01
C PHE A 353 -11.58 -13.16 19.56
N GLU A 354 -10.62 -13.17 18.68
CA GLU A 354 -10.96 -12.75 17.33
C GLU A 354 -10.26 -13.75 16.47
N GLY A 355 -10.92 -14.28 15.45
CA GLY A 355 -10.24 -15.29 14.64
C GLY A 355 -10.64 -15.41 13.17
N ALA A 356 -9.88 -16.11 12.36
CA ALA A 356 -10.29 -16.19 10.97
C ALA A 356 -9.75 -17.44 10.23
N ALA A 357 -10.47 -18.03 9.31
CA ALA A 357 -9.79 -19.06 8.54
C ALA A 357 -10.27 -19.29 7.11
N ARG A 358 -9.38 -19.87 6.32
CA ARG A 358 -9.68 -19.95 4.91
C ARG A 358 -8.94 -21.09 4.28
N SER A 359 -9.65 -21.77 3.41
CA SER A 359 -9.01 -22.53 2.36
C SER A 359 -9.05 -21.85 1.01
N ASP A 360 -7.95 -21.96 0.27
CA ASP A 360 -7.98 -21.48 -1.09
C ASP A 360 -7.73 -22.65 -1.96
N ASP A 361 -8.35 -22.63 -3.13
CA ASP A 361 -7.99 -23.51 -4.22
C ASP A 361 -7.54 -22.74 -5.40
N ASN A 362 -6.28 -22.97 -5.76
CA ASN A 362 -5.56 -22.19 -6.75
C ASN A 362 -5.19 -23.11 -7.90
N SER A 363 -5.47 -22.70 -9.13
CA SER A 363 -5.29 -23.55 -10.27
C SER A 363 -3.87 -23.86 -10.67
N GLN A 364 -2.85 -23.28 -10.05
CA GLN A 364 -1.55 -23.84 -10.26
C GLN A 364 -1.19 -24.79 -9.15
N PHE A 365 -1.34 -24.34 -7.92
CA PHE A 365 -0.70 -25.01 -6.81
C PHE A 365 -1.64 -25.73 -5.93
N GLY A 366 -2.91 -25.58 -6.29
CA GLY A 366 -3.97 -26.45 -5.81
C GLY A 366 -4.65 -25.90 -4.59
N ARG A 367 -4.64 -26.67 -3.48
CA ARG A 367 -5.24 -26.23 -2.21
C ARG A 367 -4.13 -25.77 -1.26
N HIS A 368 -4.41 -24.70 -0.52
CA HIS A 368 -3.65 -24.28 0.62
C HIS A 368 -4.65 -23.58 1.52
N GLY A 369 -4.36 -23.64 2.82
CA GLY A 369 -5.16 -23.04 3.87
C GLY A 369 -4.48 -22.28 5.01
N THR A 370 -5.26 -21.67 5.87
CA THR A 370 -4.64 -20.60 6.57
C THR A 370 -5.54 -20.11 7.64
N TRP A 371 -4.94 -19.75 8.77
CA TRP A 371 -5.67 -19.37 9.97
C TRP A 371 -4.99 -18.35 10.87
N GLN A 372 -5.79 -17.67 11.67
CA GLN A 372 -5.28 -16.81 12.68
C GLN A 372 -6.13 -16.74 13.99
N THR A 373 -5.46 -16.39 15.08
CA THR A 373 -6.12 -16.13 16.36
C THR A 373 -5.45 -15.00 17.08
N SER A 374 -6.25 -14.51 18.01
CA SER A 374 -5.87 -13.51 18.94
C SER A 374 -6.83 -13.61 20.06
N ALA A 375 -6.33 -13.31 21.25
CA ALA A 375 -7.09 -13.19 22.46
C ALA A 375 -6.56 -11.96 23.06
N GLY A 376 -7.39 -11.12 23.66
CA GLY A 376 -6.87 -10.05 24.49
C GLY A 376 -7.37 -10.17 25.92
N TRP A 377 -6.73 -9.43 26.79
CA TRP A 377 -7.18 -9.37 28.14
C TRP A 377 -7.01 -7.98 28.65
N GLU A 378 -8.13 -7.29 28.90
CA GLU A 378 -8.13 -5.95 29.53
C GLU A 378 -8.10 -6.17 30.99
N PHE A 379 -6.90 -6.09 31.57
CA PHE A 379 -6.71 -6.48 32.94
C PHE A 379 -6.88 -5.35 33.86
N ILE A 380 -6.87 -4.11 33.38
CA ILE A 380 -7.21 -2.97 34.18
C ILE A 380 -7.77 -2.03 33.23
N GLU A 381 -8.60 -1.11 33.67
CA GLU A 381 -9.42 -0.48 32.68
C GLU A 381 -8.40 0.29 31.96
N GLY A 382 -8.34 0.14 30.66
CA GLY A 382 -7.66 1.09 29.82
C GLY A 382 -6.41 0.42 29.40
N TYR A 383 -6.17 -0.72 30.01
CA TYR A 383 -4.90 -1.39 29.78
C TYR A 383 -5.28 -2.70 29.23
N ARG A 384 -4.48 -3.19 28.30
CA ARG A 384 -4.85 -4.35 27.62
C ARG A 384 -3.68 -5.05 26.99
N PHE A 385 -3.70 -6.38 27.09
CA PHE A 385 -2.58 -7.28 26.71
C PHE A 385 -3.13 -8.27 25.69
N ILE A 386 -2.49 -8.31 24.52
CA ILE A 386 -2.93 -9.08 23.40
C ILE A 386 -1.87 -10.04 22.95
N ALA A 387 -2.23 -11.30 22.69
CA ALA A 387 -1.38 -12.29 21.98
C ALA A 387 -1.99 -12.80 20.70
N SER A 388 -1.13 -13.16 19.77
CA SER A 388 -1.68 -13.59 18.49
C SER A 388 -0.88 -14.56 17.85
N TYR A 389 -1.56 -15.39 17.09
CA TYR A 389 -0.87 -16.30 16.22
C TYR A 389 -1.46 -16.48 14.90
N GLY A 390 -0.68 -16.71 13.89
CA GLY A 390 -1.27 -16.57 12.57
C GLY A 390 -0.44 -17.15 11.44
N THR A 391 -1.14 -17.50 10.38
CA THR A 391 -0.53 -18.29 9.34
C THR A 391 -0.90 -17.79 7.97
N SER A 392 0.09 -17.38 7.17
CA SER A 392 -0.18 -16.75 5.86
C SER A 392 0.72 -17.21 4.73
N TYR A 393 0.46 -16.71 3.53
CA TYR A 393 1.09 -17.25 2.37
C TYR A 393 1.04 -16.41 1.15
N LYS A 394 1.86 -16.82 0.22
CA LYS A 394 2.02 -16.06 -0.98
C LYS A 394 2.16 -16.92 -2.18
N ALA A 395 1.42 -16.61 -3.23
CA ALA A 395 1.36 -17.38 -4.45
C ALA A 395 2.51 -17.11 -5.28
N PRO A 396 2.91 -18.14 -5.99
CA PRO A 396 3.99 -18.03 -6.94
C PRO A 396 3.59 -17.10 -8.04
N ASN A 397 4.56 -16.47 -8.67
CA ASN A 397 4.34 -15.60 -9.79
C ASN A 397 4.78 -16.23 -11.12
N LEU A 398 4.19 -15.83 -12.25
CA LEU A 398 4.49 -16.43 -13.58
C LEU A 398 5.97 -16.57 -13.83
N GLY A 399 6.68 -15.61 -13.27
CA GLY A 399 8.05 -15.39 -13.62
C GLY A 399 8.66 -16.61 -13.03
N GLN A 400 8.24 -16.87 -11.81
CA GLN A 400 8.76 -17.95 -11.02
C GLN A 400 8.26 -19.27 -11.59
N LEU A 401 7.14 -19.18 -12.30
CA LEU A 401 6.34 -20.32 -12.56
C LEU A 401 6.68 -20.81 -13.90
N TYR A 402 6.53 -19.87 -14.78
CA TYR A 402 6.59 -20.16 -16.20
C TYR A 402 7.65 -19.30 -16.88
N GLY A 403 8.68 -18.90 -16.13
CA GLY A 403 9.78 -18.11 -16.66
C GLY A 403 10.87 -18.84 -17.41
N PHE A 404 12.02 -18.21 -17.55
CA PHE A 404 13.10 -18.88 -18.21
C PHE A 404 13.74 -19.78 -17.21
N TYR A 405 13.51 -19.54 -15.94
CA TYR A 405 13.93 -20.54 -15.00
C TYR A 405 12.71 -20.91 -14.20
N GLY A 406 11.56 -20.62 -14.79
CA GLY A 406 10.26 -21.06 -14.27
C GLY A 406 10.13 -22.51 -13.80
N ASN A 407 9.19 -22.75 -12.89
CA ASN A 407 8.95 -24.09 -12.36
C ASN A 407 7.53 -24.22 -11.92
N PRO A 408 6.64 -24.71 -12.76
CA PRO A 408 5.22 -24.42 -12.55
C PRO A 408 4.61 -25.27 -11.40
N ASN A 409 5.48 -25.88 -10.62
CA ASN A 409 5.08 -26.81 -9.58
C ASN A 409 5.39 -26.24 -8.25
N LEU A 410 5.60 -24.97 -8.27
CA LEU A 410 6.07 -24.44 -7.06
C LEU A 410 4.89 -24.46 -6.16
N ASP A 411 5.13 -24.68 -4.86
CA ASP A 411 4.20 -24.33 -3.77
C ASP A 411 4.32 -22.85 -3.41
N PRO A 412 3.41 -22.36 -2.58
CA PRO A 412 3.40 -20.97 -2.16
C PRO A 412 4.47 -20.74 -1.16
N GLU A 413 4.62 -19.51 -0.70
CA GLU A 413 5.57 -19.26 0.38
C GLU A 413 4.80 -19.11 1.68
N LYS A 414 5.30 -19.77 2.72
CA LYS A 414 4.62 -19.89 3.95
C LYS A 414 5.18 -18.95 5.09
N SER A 415 4.31 -18.16 5.72
CA SER A 415 4.62 -17.54 7.01
C SER A 415 3.93 -18.07 8.25
N LYS A 416 4.68 -18.05 9.33
CA LYS A 416 4.09 -18.04 10.63
C LYS A 416 4.51 -16.81 11.38
N GLN A 417 3.59 -16.27 12.17
CA GLN A 417 3.83 -15.11 12.97
C GLN A 417 3.21 -15.26 14.35
N TRP A 418 3.97 -14.85 15.35
CA TRP A 418 3.46 -14.63 16.67
C TRP A 418 3.69 -13.17 16.99
N GLU A 419 2.90 -12.58 17.85
CA GLU A 419 3.01 -11.19 18.22
C GLU A 419 2.44 -11.04 19.60
N GLY A 420 2.92 -10.06 20.33
CA GLY A 420 2.53 -9.88 21.71
C GLY A 420 2.51 -8.40 21.85
N ALA A 421 1.48 -7.85 22.51
CA ALA A 421 1.42 -6.41 22.70
C ALA A 421 0.81 -6.00 24.03
N PHE A 422 1.30 -4.91 24.60
CA PHE A 422 0.55 -4.20 25.61
C PHE A 422 0.06 -2.94 24.97
N GLU A 423 -1.14 -2.57 25.36
CA GLU A 423 -1.82 -1.34 24.97
C GLU A 423 -2.53 -0.66 26.14
N GLY A 424 -2.39 0.65 26.22
CA GLY A 424 -2.82 1.39 27.40
C GLY A 424 -3.21 2.84 27.15
N LEU A 425 -4.10 3.31 27.95
CA LEU A 425 -4.19 4.73 28.12
C LEU A 425 -3.47 5.10 29.41
N THR A 426 -2.55 6.06 29.37
CA THR A 426 -2.05 6.53 30.64
C THR A 426 -1.78 7.96 30.54
N ALA A 427 -2.36 8.62 31.50
CA ALA A 427 -2.34 10.02 31.65
C ALA A 427 -2.31 10.73 30.34
N GLY A 428 -3.22 10.37 29.45
CA GLY A 428 -3.55 11.25 28.35
C GLY A 428 -2.93 10.70 27.12
N VAL A 429 -1.98 9.81 27.32
CA VAL A 429 -1.31 9.18 26.23
C VAL A 429 -1.82 7.79 25.98
N ASN A 430 -2.14 7.66 24.70
CA ASN A 430 -2.51 6.42 24.05
C ASN A 430 -1.34 5.74 23.42
N TRP A 431 -0.96 4.60 23.98
CA TRP A 431 0.26 4.01 23.55
C TRP A 431 0.08 2.59 23.15
N ARG A 432 1.00 2.02 22.40
CA ARG A 432 1.06 0.58 22.27
C ARG A 432 2.50 0.13 22.02
N ILE A 433 2.77 -1.12 22.37
CA ILE A 433 4.02 -1.72 22.06
C ILE A 433 3.89 -3.18 21.94
N SER A 434 4.76 -3.70 21.09
CA SER A 434 4.46 -4.94 20.43
C SER A 434 5.63 -5.64 19.82
N GLY A 435 5.63 -6.95 19.96
CA GLY A 435 6.75 -7.78 19.54
C GLY A 435 6.32 -8.86 18.55
N TYR A 436 6.99 -9.04 17.43
CA TYR A 436 6.66 -10.20 16.67
C TYR A 436 7.81 -10.90 16.07
N ARG A 437 7.67 -12.23 16.09
CA ARG A 437 8.39 -13.19 15.24
C ARG A 437 7.55 -13.63 14.05
N ASN A 438 8.14 -13.45 12.89
CA ASN A 438 7.62 -14.06 11.71
C ASN A 438 8.67 -14.91 11.06
N ASP A 439 8.44 -16.22 11.06
CA ASP A 439 9.20 -17.19 10.24
C ASP A 439 8.60 -17.44 8.83
N VAL A 440 9.29 -17.00 7.81
CA VAL A 440 8.97 -17.39 6.47
C VAL A 440 9.82 -18.48 5.85
N SER A 441 9.17 -19.15 4.92
CA SER A 441 9.64 -20.43 4.41
C SER A 441 8.93 -20.80 3.15
N ASP A 442 9.65 -21.72 2.48
CA ASP A 442 9.42 -22.29 1.15
C ASP A 442 9.52 -21.11 0.16
N LEU A 443 10.38 -20.24 0.60
CA LEU A 443 10.73 -19.09 -0.13
C LEU A 443 11.17 -19.61 -1.45
N ILE A 444 10.67 -18.95 -2.49
CA ILE A 444 11.05 -19.16 -3.88
C ILE A 444 12.37 -18.49 -4.28
N ASP A 445 13.30 -19.38 -4.63
CA ASP A 445 14.72 -19.13 -4.66
C ASP A 445 15.32 -19.92 -5.77
N TYR A 446 15.74 -19.21 -6.82
CA TYR A 446 16.31 -19.76 -8.02
C TYR A 446 17.63 -20.47 -7.72
N ASP A 447 17.91 -21.65 -8.31
CA ASP A 447 19.27 -22.26 -8.22
C ASP A 447 20.15 -22.12 -9.47
N ASP A 448 21.29 -21.43 -9.30
CA ASP A 448 22.27 -21.29 -10.39
C ASP A 448 22.53 -22.75 -10.81
N HIS A 449 22.93 -23.47 -9.77
CA HIS A 449 22.44 -24.79 -9.58
C HIS A 449 21.83 -25.33 -10.88
N THR A 450 20.55 -25.05 -11.17
CA THR A 450 19.89 -25.61 -12.35
C THR A 450 18.93 -24.70 -13.05
N LEU A 451 19.00 -23.39 -12.85
CA LEU A 451 18.26 -22.54 -13.78
C LEU A 451 16.77 -22.87 -13.75
N LYS A 452 16.38 -23.32 -12.58
CA LYS A 452 14.98 -23.39 -12.20
C LYS A 452 14.83 -22.72 -10.81
N TYR A 453 13.67 -22.19 -10.47
CA TYR A 453 13.43 -21.84 -9.07
C TYR A 453 12.95 -23.05 -8.34
N TYR A 454 13.16 -23.08 -7.03
CA TYR A 454 12.44 -24.01 -6.13
C TYR A 454 12.05 -23.28 -4.83
N ASN A 455 11.15 -23.89 -4.08
CA ASN A 455 10.80 -23.39 -2.78
C ASN A 455 11.92 -23.89 -1.90
N GLU A 456 12.83 -23.03 -1.45
CA GLU A 456 13.78 -23.56 -0.50
C GLU A 456 14.21 -22.77 0.69
N GLY A 457 13.97 -21.48 0.65
CA GLY A 457 14.66 -20.61 1.59
C GLY A 457 13.78 -20.09 2.68
N LYS A 458 14.43 -19.67 3.76
CA LYS A 458 13.80 -19.34 5.04
C LYS A 458 14.21 -17.97 5.41
N ALA A 459 13.29 -17.20 5.96
CA ALA A 459 13.61 -15.99 6.69
C ALA A 459 13.07 -16.00 8.12
N ARG A 460 13.77 -15.33 9.00
CA ARG A 460 13.28 -15.00 10.30
C ARG A 460 13.14 -13.49 10.36
N ILE A 461 12.10 -13.04 11.06
CA ILE A 461 11.94 -11.64 11.43
C ILE A 461 11.51 -11.47 12.84
N LYS A 462 12.19 -10.55 13.51
CA LYS A 462 11.96 -10.25 14.89
C LYS A 462 11.77 -8.78 14.86
N GLY A 463 10.58 -8.31 15.16
CA GLY A 463 10.40 -6.86 15.19
C GLY A 463 9.66 -6.30 16.41
N VAL A 464 9.83 -5.00 16.67
CA VAL A 464 9.20 -4.38 17.79
C VAL A 464 8.52 -3.13 17.32
N GLU A 465 7.33 -2.82 17.79
CA GLU A 465 6.59 -1.66 17.30
C GLU A 465 5.97 -0.94 18.45
N ALA A 466 6.35 0.34 18.61
CA ALA A 466 5.91 1.17 19.72
C ALA A 466 5.37 2.44 19.19
N THR A 467 4.21 2.79 19.70
CA THR A 467 3.63 3.98 19.19
C THR A 467 3.09 4.68 20.31
N ALA A 468 2.84 5.98 20.07
CA ALA A 468 2.08 6.74 21.01
C ALA A 468 1.39 7.91 20.39
N ASN A 469 0.24 8.32 20.91
CA ASN A 469 -0.19 9.72 20.70
C ASN A 469 -0.80 10.51 21.88
N PHE A 470 -0.52 11.82 21.87
CA PHE A 470 -0.98 12.68 22.89
C PHE A 470 -0.96 14.10 22.56
N ASP A 471 -1.72 14.89 23.33
CA ASP A 471 -1.57 16.35 23.33
C ASP A 471 -0.78 16.97 24.50
N THR A 472 -0.19 18.12 24.31
CA THR A 472 0.28 18.80 25.45
C THR A 472 -0.44 20.11 25.27
N GLY A 473 -0.02 20.78 24.24
CA GLY A 473 -0.35 22.18 24.26
C GLY A 473 -1.76 22.22 23.76
N PRO A 474 -1.95 23.10 22.79
CA PRO A 474 -2.74 22.88 21.59
C PRO A 474 -1.93 22.09 20.58
N LEU A 475 -0.85 21.59 21.14
CA LEU A 475 0.06 20.64 20.56
C LEU A 475 -0.45 19.21 20.57
N THR A 476 -0.50 18.61 19.38
CA THR A 476 -0.62 17.16 19.18
C THR A 476 0.59 16.36 18.66
N HIS A 477 0.78 15.20 19.28
CA HIS A 477 1.94 14.32 19.10
C HIS A 477 1.46 12.96 18.57
N THR A 478 2.01 12.64 17.42
CA THR A 478 1.96 11.28 16.92
C THR A 478 3.28 10.83 16.46
N VAL A 479 3.72 9.83 17.20
CA VAL A 479 5.03 9.31 17.15
C VAL A 479 5.03 7.77 17.03
N SER A 480 5.92 7.18 16.22
CA SER A 480 6.29 5.77 16.47
C SER A 480 7.77 5.39 16.41
N TYR A 481 8.13 4.24 16.98
CA TYR A 481 9.40 3.59 16.68
C TYR A 481 9.24 2.16 16.10
N ASP A 482 10.16 1.78 15.25
CA ASP A 482 10.10 0.45 14.69
C ASP A 482 11.48 -0.14 14.70
N TYR A 483 11.69 -1.35 15.19
CA TYR A 483 12.94 -2.05 15.02
C TYR A 483 12.61 -3.35 14.36
N VAL A 484 13.16 -3.57 13.18
CA VAL A 484 13.06 -4.84 12.45
C VAL A 484 14.37 -5.57 12.18
N ASP A 485 14.57 -6.69 12.85
CA ASP A 485 15.67 -7.55 12.52
C ASP A 485 15.27 -8.65 11.55
N ALA A 486 15.52 -8.45 10.26
CA ALA A 486 15.10 -9.37 9.18
C ALA A 486 16.22 -10.15 8.48
N ARG A 487 16.42 -11.37 8.89
CA ARG A 487 17.43 -12.09 8.21
C ARG A 487 17.00 -13.32 7.38
N ASN A 488 17.91 -13.68 6.50
CA ASN A 488 17.91 -14.97 5.91
C ASN A 488 18.28 -15.98 6.94
N ALA A 489 17.31 -16.84 7.24
CA ALA A 489 17.38 -17.81 8.31
C ALA A 489 18.44 -18.81 8.20
N ILE A 490 18.81 -19.17 6.99
CA ILE A 490 19.70 -20.28 6.75
C ILE A 490 21.12 -19.80 6.95
N THR A 491 21.35 -18.63 6.36
CA THR A 491 22.63 -18.03 6.21
C THR A 491 22.81 -16.93 7.23
N ASP A 492 21.73 -16.50 7.87
CA ASP A 492 21.76 -15.53 8.95
C ASP A 492 22.38 -14.22 8.59
N THR A 493 22.23 -13.86 7.33
CA THR A 493 22.45 -12.46 7.03
C THR A 493 21.24 -11.67 6.80
N PRO A 494 21.37 -10.43 7.20
CA PRO A 494 20.38 -9.40 6.96
C PRO A 494 19.87 -9.38 5.57
N LEU A 495 18.58 -9.23 5.45
CA LEU A 495 17.98 -9.17 4.14
C LEU A 495 18.40 -7.85 3.73
N LEU A 496 17.83 -7.32 2.63
CA LEU A 496 18.35 -6.13 1.94
C LEU A 496 17.38 -5.04 1.80
N ARG A 497 17.82 -3.79 1.86
CA ARG A 497 16.98 -2.66 1.51
C ARG A 497 16.03 -2.39 2.66
N ARG A 498 16.37 -2.84 3.83
CA ARG A 498 15.46 -2.67 4.94
C ARG A 498 16.21 -2.00 6.03
N ALA A 499 15.53 -1.08 6.66
CA ALA A 499 16.05 -0.46 7.86
C ALA A 499 15.83 -1.26 9.10
N LYS A 500 16.84 -1.75 9.73
CA LYS A 500 16.67 -2.19 11.10
C LYS A 500 15.83 -1.14 11.85
N GLN A 501 16.06 0.15 11.64
CA GLN A 501 15.43 1.06 12.55
C GLN A 501 14.76 2.23 11.95
N GLN A 502 13.52 2.49 12.35
CA GLN A 502 12.85 3.74 12.00
C GLN A 502 12.23 4.54 13.17
N VAL A 503 12.05 5.85 12.96
CA VAL A 503 11.49 6.77 13.97
C VAL A 503 10.75 7.84 13.26
N LYS A 504 9.49 7.94 13.57
CA LYS A 504 8.54 8.88 12.92
C LYS A 504 7.72 9.70 13.92
N TYR A 505 7.81 11.01 13.84
CA TYR A 505 7.06 11.93 14.67
C TYR A 505 6.26 12.75 13.77
N GLN A 506 5.07 13.07 14.22
CA GLN A 506 4.40 14.21 13.67
C GLN A 506 3.97 15.26 14.74
N LEU A 507 4.04 16.53 14.39
CA LEU A 507 3.60 17.50 15.31
C LEU A 507 2.57 18.34 14.65
N ASP A 508 1.35 18.33 15.19
CA ASP A 508 0.31 19.21 14.69
C ASP A 508 -0.07 20.27 15.68
N TRP A 509 -0.32 21.50 15.20
CA TRP A 509 -1.02 22.48 15.96
C TRP A 509 -1.60 23.63 15.20
N GLN A 510 -2.57 24.32 15.85
CA GLN A 510 -3.30 25.45 15.28
C GLN A 510 -3.11 26.72 16.09
N LEU A 511 -3.00 27.84 15.39
CA LEU A 511 -2.70 29.04 16.08
C LEU A 511 -3.61 30.12 15.71
N TYR A 512 -3.15 30.82 14.69
CA TYR A 512 -3.82 32.07 14.49
C TYR A 512 -4.91 31.65 13.53
N ASP A 513 -4.60 31.41 12.28
CA ASP A 513 -5.46 30.37 11.69
C ASP A 513 -4.64 29.39 10.91
N PHE A 514 -3.35 29.52 11.13
CA PHE A 514 -2.46 28.76 10.40
C PHE A 514 -2.58 27.48 11.11
N ASP A 515 -3.06 26.48 10.40
CA ASP A 515 -2.78 25.12 10.77
C ASP A 515 -1.36 24.73 10.33
N TRP A 516 -0.58 24.24 11.32
CA TRP A 516 0.82 23.82 11.12
C TRP A 516 1.01 22.33 11.30
N GLY A 517 1.84 21.74 10.45
CA GLY A 517 2.43 20.46 10.80
C GLY A 517 3.89 20.35 10.49
N ILE A 518 4.57 19.65 11.35
CA ILE A 518 5.95 19.36 11.05
C ILE A 518 6.07 17.90 11.18
N THR A 519 6.65 17.25 10.20
CA THR A 519 6.73 15.79 10.25
C THR A 519 8.23 15.42 10.17
N TYR A 520 8.71 14.61 11.13
CA TYR A 520 10.10 14.14 11.18
C TYR A 520 10.22 12.64 10.95
N GLN A 521 11.27 12.21 10.33
CA GLN A 521 11.47 10.78 10.29
C GLN A 521 12.93 10.40 10.34
N TYR A 522 13.30 9.30 10.92
CA TYR A 522 14.65 8.93 10.75
C TYR A 522 14.62 7.63 10.07
N LEU A 523 15.25 7.59 8.93
CA LEU A 523 15.51 6.37 8.23
C LEU A 523 16.81 5.84 8.63
N GLY A 524 16.74 4.81 9.42
CA GLY A 524 17.91 4.15 9.88
C GLY A 524 18.59 3.46 8.76
N THR A 525 19.77 2.98 9.08
CA THR A 525 20.74 2.74 8.05
C THR A 525 20.35 1.43 7.53
N ARG A 526 20.75 1.13 6.31
CA ARG A 526 20.43 -0.13 5.64
C ARG A 526 21.46 -0.64 4.61
N TYR A 527 21.14 -1.75 3.98
CA TYR A 527 22.08 -2.59 3.25
C TYR A 527 21.49 -2.96 1.86
N ASP A 528 22.31 -2.96 0.83
CA ASP A 528 21.80 -3.15 -0.54
C ASP A 528 22.94 -3.59 -1.46
N LYS A 529 22.71 -3.45 -2.75
CA LYS A 529 23.62 -3.97 -3.77
C LYS A 529 24.03 -2.90 -4.74
N ASP A 530 25.32 -2.99 -5.11
CA ASP A 530 25.98 -1.96 -5.90
C ASP A 530 26.18 -2.71 -7.20
N TYR A 531 25.35 -2.36 -8.15
CA TYR A 531 25.40 -3.07 -9.41
C TYR A 531 26.52 -2.48 -10.28
N SER A 532 27.25 -1.52 -9.72
CA SER A 532 28.17 -0.71 -10.47
C SER A 532 29.12 -1.68 -11.20
N SER A 533 29.09 -2.92 -10.76
CA SER A 533 30.15 -3.84 -11.02
C SER A 533 29.96 -5.22 -10.37
N TYR A 534 29.85 -6.18 -11.26
CA TYR A 534 29.87 -7.59 -10.97
C TYR A 534 31.25 -8.15 -10.66
N PRO A 535 31.31 -9.22 -9.87
CA PRO A 535 30.16 -9.68 -9.08
C PRO A 535 29.54 -8.54 -8.29
N TYR A 536 28.26 -8.56 -7.98
CA TYR A 536 27.76 -7.37 -7.35
C TYR A 536 27.93 -7.47 -5.90
N GLN A 537 28.41 -6.43 -5.25
CA GLN A 537 28.58 -6.43 -3.78
C GLN A 537 27.55 -5.67 -2.96
N THR A 538 27.44 -5.98 -1.67
CA THR A 538 26.55 -5.15 -0.86
C THR A 538 27.25 -4.04 -0.15
N VAL A 539 26.48 -2.98 0.03
CA VAL A 539 27.06 -1.80 0.54
C VAL A 539 26.08 -1.31 1.56
N LYS A 540 26.58 -0.63 2.58
CA LYS A 540 25.77 -0.20 3.71
C LYS A 540 25.47 1.26 3.52
N MET A 541 24.20 1.60 3.38
CA MET A 541 23.79 3.00 3.34
C MET A 541 23.60 3.46 4.75
N GLY A 542 23.91 4.74 4.96
CA GLY A 542 24.07 5.33 6.27
C GLY A 542 22.76 5.70 6.91
N GLY A 543 21.78 6.22 6.22
CA GLY A 543 20.56 6.32 7.01
C GLY A 543 20.45 7.63 7.75
N VAL A 544 19.25 8.20 7.80
CA VAL A 544 19.14 9.64 7.80
C VAL A 544 17.90 10.31 8.30
N SER A 545 18.01 11.64 8.50
CA SER A 545 16.92 12.46 9.05
C SER A 545 16.30 13.49 8.19
N LEU A 546 15.00 13.32 7.99
CA LEU A 546 14.19 14.29 7.23
C LEU A 546 13.21 15.13 8.00
N TRP A 547 12.84 16.26 7.47
CA TRP A 547 11.95 17.11 8.18
C TRP A 547 11.19 17.77 7.06
N ASP A 548 9.88 17.92 7.23
CA ASP A 548 9.11 18.71 6.27
C ASP A 548 8.23 19.65 6.98
N LEU A 549 7.82 20.71 6.33
CA LEU A 549 7.08 21.71 7.09
C LEU A 549 5.81 21.99 6.35
N ALA A 550 4.65 21.87 7.00
CA ALA A 550 3.49 22.27 6.24
C ALA A 550 2.54 23.15 6.95
N VAL A 551 1.99 24.08 6.18
CA VAL A 551 0.99 25.00 6.65
C VAL A 551 -0.20 24.97 5.72
N ALA A 552 -1.35 25.33 6.31
CA ALA A 552 -2.55 25.78 5.59
C ALA A 552 -3.21 26.95 6.33
N TYR A 553 -4.01 27.70 5.55
CA TYR A 553 -4.82 28.85 5.97
C TYR A 553 -6.16 28.93 5.25
N PRO A 554 -7.25 29.16 5.97
CA PRO A 554 -8.58 29.39 5.36
C PRO A 554 -8.70 30.84 4.97
N VAL A 555 -8.06 31.19 3.88
CA VAL A 555 -8.10 32.56 3.50
C VAL A 555 -9.51 33.03 3.32
N THR A 556 -10.41 32.15 2.95
CA THR A 556 -11.76 32.51 3.27
C THR A 556 -12.32 31.44 4.09
N SER A 557 -13.23 30.76 3.44
CA SER A 557 -14.33 30.15 4.11
C SER A 557 -14.68 29.12 3.11
N HIS A 558 -14.44 29.51 1.86
CA HIS A 558 -14.28 28.57 0.75
C HIS A 558 -12.82 28.23 0.33
N LEU A 559 -11.88 29.04 0.74
CA LEU A 559 -10.60 28.94 0.16
C LEU A 559 -9.69 28.55 1.23
N THR A 560 -9.07 27.40 1.09
CA THR A 560 -7.89 27.16 1.87
C THR A 560 -6.65 27.38 1.02
N VAL A 561 -5.50 27.69 1.60
CA VAL A 561 -4.29 27.92 0.79
C VAL A 561 -3.08 27.35 1.47
N ARG A 562 -2.43 26.36 0.91
CA ARG A 562 -1.33 25.73 1.63
C ARG A 562 0.03 25.72 0.99
N GLY A 563 0.98 25.15 1.70
CA GLY A 563 2.32 25.37 1.31
C GLY A 563 3.11 24.40 2.07
N LYS A 564 4.13 23.86 1.45
CA LYS A 564 4.84 22.78 2.09
C LYS A 564 6.27 22.79 1.61
N ILE A 565 7.21 22.68 2.54
CA ILE A 565 8.61 22.51 2.24
C ILE A 565 8.99 21.13 2.60
N ALA A 566 9.33 20.34 1.62
CA ALA A 566 9.63 19.00 1.97
C ALA A 566 11.09 18.83 1.80
N ASN A 567 11.62 17.91 2.59
CA ASN A 567 13.05 17.78 2.84
C ASN A 567 13.64 19.10 3.16
N LEU A 568 13.38 19.49 4.40
CA LEU A 568 13.40 20.88 4.77
C LEU A 568 14.85 21.39 4.88
N PHE A 569 15.72 20.62 5.48
CA PHE A 569 17.12 20.92 5.33
C PHE A 569 17.54 20.36 4.00
N ASP A 570 18.71 19.91 3.83
CA ASP A 570 18.68 19.45 2.50
C ASP A 570 19.34 18.14 2.27
N LYS A 571 18.66 17.14 2.78
CA LYS A 571 19.39 15.96 3.10
C LYS A 571 19.43 15.00 1.92
N ASP A 572 20.65 14.76 1.46
CA ASP A 572 20.85 13.88 0.38
C ASP A 572 20.92 12.45 0.83
N TYR A 573 20.46 11.52 0.01
CA TYR A 573 20.40 10.15 0.48
C TYR A 573 19.73 9.28 -0.53
N GLU A 574 19.75 7.97 -0.30
CA GLU A 574 18.99 7.05 -1.15
C GLU A 574 18.25 6.01 -0.39
N THR A 575 17.19 5.51 -0.98
CA THR A 575 16.60 4.34 -0.34
C THR A 575 16.93 3.21 -1.24
N VAL A 576 17.53 3.58 -2.37
CA VAL A 576 18.14 2.59 -3.28
C VAL A 576 19.51 3.01 -3.94
N TYR A 577 20.59 2.37 -3.47
CA TYR A 577 21.95 2.71 -3.90
C TYR A 577 22.03 3.09 -5.36
N GLY A 578 22.38 4.30 -5.68
CA GLY A 578 22.32 4.73 -7.05
C GLY A 578 21.12 5.51 -7.57
N TYR A 579 19.99 5.52 -6.88
CA TYR A 579 18.93 6.40 -7.33
C TYR A 579 18.82 7.69 -6.56
N GLN A 580 18.79 8.80 -7.22
CA GLN A 580 18.91 9.96 -6.36
C GLN A 580 17.51 10.16 -5.81
N THR A 581 17.43 10.49 -4.53
CA THR A 581 16.14 10.83 -3.93
C THR A 581 15.82 12.27 -4.22
N ALA A 582 14.76 12.73 -3.58
CA ALA A 582 14.25 13.99 -3.99
C ALA A 582 15.16 15.09 -3.54
N GLY A 583 15.20 15.36 -2.27
CA GLY A 583 15.71 16.70 -1.97
C GLY A 583 14.69 17.83 -1.91
N ARG A 584 15.13 19.03 -1.52
CA ARG A 584 14.25 20.06 -0.95
C ARG A 584 13.34 20.52 -2.01
N GLU A 585 12.07 20.35 -1.73
CA GLU A 585 11.05 20.85 -2.59
C GLU A 585 10.03 21.67 -1.84
N TYR A 586 9.53 22.65 -2.58
CA TYR A 586 8.37 23.44 -2.29
C TYR A 586 7.18 23.06 -3.08
N THR A 587 6.05 23.34 -2.48
CA THR A 587 4.75 23.18 -3.11
C THR A 587 3.85 24.23 -2.48
N LEU A 588 2.92 24.70 -3.29
CA LEU A 588 2.20 25.91 -3.00
C LEU A 588 0.89 25.60 -3.60
N SER A 589 -0.15 25.61 -2.80
CA SER A 589 -1.32 24.87 -3.24
C SER A 589 -2.61 25.43 -2.68
N GLY A 590 -3.71 25.17 -3.40
CA GLY A 590 -4.99 25.75 -3.08
C GLY A 590 -6.26 24.96 -3.38
N SER A 591 -7.27 25.22 -2.56
CA SER A 591 -8.56 24.59 -2.69
C SER A 591 -9.70 25.56 -2.48
N TYR A 592 -10.73 25.42 -3.29
CA TYR A 592 -11.90 26.21 -3.16
C TYR A 592 -12.98 25.24 -3.01
N THR A 593 -13.96 25.59 -2.22
CA THR A 593 -15.11 24.74 -2.10
C THR A 593 -16.44 25.39 -2.37
N PHE A 594 -17.43 24.59 -2.74
CA PHE A 594 -18.74 25.14 -2.99
C PHE A 594 -19.66 24.31 -3.88
#